data_3OD9
#
_entry.id   3OD9
#
_cell.length_a   103.021
_cell.length_b   60.327
_cell.length_c   82.187
_cell.angle_alpha   90.000
_cell.angle_beta   115.650
_cell.angle_gamma   90.000
#
_symmetry.space_group_name_H-M   'C 1 2 1'
#
loop_
_entity.id
_entity.type
_entity.pdbx_description
1 polymer 'Putative exported protein'
2 non-polymer 'POTASSIUM ION'
3 non-polymer 'SODIUM ION'
4 water water
#
_entity_poly.entity_id   1
_entity_poly.type   'polypeptide(L)'
_entity_poly.pdbx_seq_one_letter_code
;MADGFFKQLTLPSGQVVTVSEGRGEPASTGSYDVRLYSGANPQFPLDQFIDGKVLPRDGSIKELKLLDLNGDKQPELIVV
VESAGSGSYLSADAFTLNPQEGLDSFNHVEGLAPNEDVIQALKTPRDLEHHHHHH
;
_entity_poly.pdbx_strand_id   A,B,C
#
# COMPACT_ATOMS: atom_id res chain seq x y z
N ASP A 3 17.36 -0.76 14.92
CA ASP A 3 17.25 -1.71 13.81
C ASP A 3 16.24 -2.82 14.13
N GLY A 4 15.44 -3.19 13.15
CA GLY A 4 14.47 -4.25 13.31
C GLY A 4 15.01 -5.60 12.86
N PHE A 5 14.11 -6.53 12.58
CA PHE A 5 14.47 -7.91 12.26
C PHE A 5 15.34 -8.02 11.01
N PHE A 6 16.44 -8.74 11.16
CA PHE A 6 17.39 -8.99 10.06
C PHE A 6 18.08 -10.31 10.29
N LYS A 7 18.08 -11.17 9.27
CA LYS A 7 18.77 -12.43 9.34
C LYS A 7 19.45 -12.73 8.01
N GLN A 8 20.68 -13.23 8.08
CA GLN A 8 21.44 -13.60 6.90
C GLN A 8 21.74 -15.10 6.95
N LEU A 9 21.49 -15.77 5.82
CA LEU A 9 21.72 -17.21 5.70
C LEU A 9 22.56 -17.53 4.46
N THR A 10 23.43 -18.51 4.57
CA THR A 10 24.15 -18.99 3.41
C THR A 10 23.53 -20.30 2.96
N LEU A 11 23.19 -20.36 1.67
CA LEU A 11 22.60 -21.55 1.06
C LEU A 11 23.68 -22.57 0.70
N PRO A 12 23.29 -23.84 0.50
CA PRO A 12 24.30 -24.85 0.12
C PRO A 12 25.12 -24.44 -1.12
N SER A 13 24.51 -23.74 -2.07
CA SER A 13 25.22 -23.32 -3.28
C SER A 13 26.29 -22.26 -3.03
N GLY A 14 26.27 -21.66 -1.85
CA GLY A 14 27.12 -20.52 -1.57
C GLY A 14 26.42 -19.18 -1.73
N GLN A 15 25.28 -19.15 -2.42
CA GLN A 15 24.47 -17.94 -2.47
C GLN A 15 24.07 -17.53 -1.04
N VAL A 16 23.81 -16.24 -0.86
CA VAL A 16 23.48 -15.71 0.45
C VAL A 16 22.14 -15.00 0.36
N VAL A 17 21.29 -15.23 1.36
CA VAL A 17 19.99 -14.57 1.39
C VAL A 17 19.84 -13.77 2.68
N THR A 18 19.27 -12.58 2.57
CA THR A 18 18.88 -11.85 3.77
C THR A 18 17.37 -11.67 3.85
N VAL A 19 16.86 -11.61 5.07
CA VAL A 19 15.43 -11.40 5.31
C VAL A 19 15.29 -10.31 6.34
N SER A 20 14.48 -9.29 6.02
CA SER A 20 14.30 -8.13 6.91
C SER A 20 12.83 -7.81 7.03
N GLU A 21 12.39 -7.40 8.22
CA GLU A 21 11.08 -6.76 8.34
C GLU A 21 11.23 -5.27 7.94
N GLY A 22 10.16 -4.66 7.46
CA GLY A 22 10.21 -3.27 7.04
C GLY A 22 10.65 -2.32 8.15
N ARG A 23 11.52 -1.37 7.81
CA ARG A 23 12.01 -0.41 8.79
C ARG A 23 10.91 0.53 9.28
N GLY A 24 10.82 0.71 10.60
CA GLY A 24 9.87 1.65 11.16
C GLY A 24 8.46 1.10 11.33
N GLU A 25 8.25 -0.15 10.92
CA GLU A 25 6.93 -0.77 10.98
C GLU A 25 6.59 -1.27 12.39
N PRO A 26 5.29 -1.43 12.67
CA PRO A 26 4.88 -2.01 13.95
C PRO A 26 5.28 -3.47 14.03
N ALA A 27 5.39 -3.97 15.25
CA ALA A 27 5.74 -5.37 15.43
C ALA A 27 4.67 -6.29 14.86
N SER A 28 3.39 -5.89 15.00
CA SER A 28 2.26 -6.78 14.73
C SER A 28 1.95 -7.01 13.25
N THR A 29 2.36 -6.08 12.39
CA THR A 29 1.98 -6.19 11.00
C THR A 29 2.88 -5.34 10.14
N GLY A 30 2.97 -5.67 8.86
CA GLY A 30 3.72 -4.85 7.94
C GLY A 30 4.20 -5.65 6.74
N SER A 31 5.51 -5.62 6.51
CA SER A 31 6.11 -6.29 5.37
C SER A 31 7.42 -6.95 5.77
N TYR A 32 7.94 -7.75 4.87
CA TYR A 32 9.32 -8.18 4.97
C TYR A 32 9.87 -8.30 3.57
N ASP A 33 11.19 -8.31 3.45
CA ASP A 33 11.78 -8.55 2.15
C ASP A 33 12.79 -9.68 2.23
N VAL A 34 12.99 -10.30 1.08
CA VAL A 34 13.96 -11.36 0.89
C VAL A 34 14.89 -10.87 -0.22
N ARG A 35 16.19 -10.89 0.03
CA ARG A 35 17.19 -10.46 -0.93
C ARG A 35 18.23 -11.55 -1.16
N LEU A 36 18.50 -11.86 -2.42
CA LEU A 36 19.45 -12.90 -2.78
C LEU A 36 20.72 -12.28 -3.36
N TYR A 37 21.86 -12.81 -2.92
CA TYR A 37 23.20 -12.37 -3.34
C TYR A 37 24.01 -13.57 -3.84
N SER A 38 25.00 -13.34 -4.69
CA SER A 38 25.77 -14.45 -5.23
C SER A 38 26.58 -15.15 -4.17
N GLY A 39 27.04 -14.41 -3.16
CA GLY A 39 27.90 -14.98 -2.14
C GLY A 39 29.26 -15.38 -2.66
N ALA A 40 29.66 -14.86 -3.82
CA ALA A 40 30.88 -15.29 -4.50
C ALA A 40 32.11 -15.14 -3.61
N ASN A 41 32.13 -14.09 -2.79
CA ASN A 41 33.20 -13.90 -1.82
C ASN A 41 32.62 -13.97 -0.41
N PRO A 42 32.85 -15.10 0.29
CA PRO A 42 32.24 -15.28 1.61
C PRO A 42 32.70 -14.24 2.64
N GLN A 43 33.83 -13.59 2.40
CA GLN A 43 34.29 -12.52 3.28
C GLN A 43 33.48 -11.25 3.08
N PHE A 44 32.87 -11.11 1.90
CA PHE A 44 32.00 -9.97 1.60
C PHE A 44 30.73 -10.50 0.98
N PRO A 45 29.91 -11.18 1.79
CA PRO A 45 28.81 -11.99 1.26
C PRO A 45 27.69 -11.19 0.62
N LEU A 46 27.62 -9.89 0.89
CA LEU A 46 26.53 -9.09 0.36
C LEU A 46 26.98 -8.13 -0.75
N ASP A 47 28.11 -8.44 -1.39
CA ASP A 47 28.66 -7.54 -2.41
C ASP A 47 28.01 -7.66 -3.79
N GLN A 48 27.35 -8.79 -4.06
CA GLN A 48 26.81 -9.05 -5.39
C GLN A 48 25.30 -9.36 -5.36
N PHE A 49 24.50 -8.30 -5.34
CA PHE A 49 23.06 -8.43 -5.32
C PHE A 49 22.52 -9.06 -6.61
N ILE A 50 21.54 -9.95 -6.44
CA ILE A 50 20.88 -10.59 -7.58
C ILE A 50 19.44 -10.13 -7.76
N ASP A 51 18.61 -10.28 -6.73
CA ASP A 51 17.18 -9.96 -6.84
C ASP A 51 16.57 -9.94 -5.45
N GLY A 52 15.37 -9.38 -5.33
CA GLY A 52 14.66 -9.39 -4.07
C GLY A 52 13.17 -9.23 -4.26
N LYS A 53 12.42 -9.52 -3.21
CA LYS A 53 10.98 -9.38 -3.20
C LYS A 53 10.52 -8.78 -1.87
N VAL A 54 9.42 -8.02 -1.91
CA VAL A 54 8.81 -7.51 -0.69
C VAL A 54 7.43 -8.14 -0.57
N LEU A 55 7.11 -8.64 0.62
CA LEU A 55 5.85 -9.34 0.87
C LEU A 55 5.17 -8.79 2.13
N PRO A 56 3.83 -8.88 2.19
CA PRO A 56 3.15 -8.52 3.44
C PRO A 56 3.38 -9.57 4.51
N ARG A 57 3.34 -9.15 5.77
CA ARG A 57 3.31 -10.09 6.89
C ARG A 57 2.13 -9.80 7.80
N ASP A 58 1.31 -10.82 8.01
CA ASP A 58 0.23 -10.73 8.95
C ASP A 58 0.72 -11.29 10.28
N GLY A 59 1.55 -10.48 10.95
CA GLY A 59 2.20 -10.88 12.18
C GLY A 59 3.69 -10.62 12.13
N SER A 60 4.43 -11.35 12.95
CA SER A 60 5.88 -11.25 13.05
CA SER A 60 5.88 -11.23 13.01
C SER A 60 6.53 -12.49 12.50
N ILE A 61 7.70 -12.35 11.88
CA ILE A 61 8.44 -13.53 11.44
C ILE A 61 8.82 -14.35 12.66
N LYS A 62 8.50 -15.63 12.61
CA LYS A 62 8.70 -16.55 13.73
C LYS A 62 9.81 -17.57 13.45
N GLU A 63 9.97 -17.95 12.18
CA GLU A 63 10.98 -18.93 11.82
C GLU A 63 11.42 -18.74 10.38
N LEU A 64 12.70 -19.05 10.12
CA LEU A 64 13.19 -19.22 8.76
C LEU A 64 13.66 -20.66 8.62
N LYS A 65 13.23 -21.33 7.57
CA LYS A 65 13.62 -22.71 7.32
C LYS A 65 14.21 -22.89 5.93
N LEU A 66 15.21 -23.75 5.82
CA LEU A 66 15.76 -24.13 4.53
C LEU A 66 15.44 -25.60 4.30
N LEU A 67 14.42 -25.85 3.50
CA LEU A 67 13.96 -27.22 3.25
CA LEU A 67 13.95 -27.21 3.27
C LEU A 67 13.61 -27.39 1.79
N ASP A 68 13.96 -28.56 1.25
CA ASP A 68 13.62 -28.89 -0.13
C ASP A 68 12.13 -29.25 -0.23
N LEU A 69 11.36 -28.38 -0.90
CA LEU A 69 9.92 -28.59 -1.05
C LEU A 69 9.54 -29.22 -2.39
N ASN A 70 10.37 -29.01 -3.41
CA ASN A 70 10.01 -29.42 -4.76
C ASN A 70 10.78 -30.62 -5.29
N GLY A 71 11.69 -31.16 -4.47
CA GLY A 71 12.40 -32.38 -4.83
C GLY A 71 13.64 -32.21 -5.70
N ASP A 72 14.09 -30.98 -5.91
CA ASP A 72 15.30 -30.77 -6.71
C ASP A 72 16.59 -30.83 -5.90
N LYS A 73 16.47 -31.25 -4.64
CA LYS A 73 17.59 -31.45 -3.71
C LYS A 73 18.09 -30.17 -3.03
N GLN A 74 17.68 -29.02 -3.54
CA GLN A 74 18.13 -27.72 -3.02
C GLN A 74 17.07 -27.17 -2.07
N PRO A 75 17.48 -26.50 -0.99
CA PRO A 75 16.42 -25.97 -0.11
C PRO A 75 15.70 -24.77 -0.70
N GLU A 76 14.38 -24.74 -0.53
CA GLU A 76 13.62 -23.50 -0.65
C GLU A 76 13.75 -22.77 0.69
N LEU A 77 13.55 -21.46 0.66
CA LEU A 77 13.45 -20.67 1.89
C LEU A 77 12.00 -20.58 2.31
N ILE A 78 11.72 -20.93 3.56
CA ILE A 78 10.39 -20.76 4.12
C ILE A 78 10.42 -19.70 5.21
N VAL A 79 9.58 -18.69 5.06
CA VAL A 79 9.43 -17.65 6.06
C VAL A 79 8.09 -17.86 6.74
N VAL A 80 8.11 -18.18 8.03
CA VAL A 80 6.89 -18.45 8.77
C VAL A 80 6.55 -17.24 9.61
N VAL A 81 5.31 -16.79 9.49
CA VAL A 81 4.85 -15.61 10.18
C VAL A 81 3.73 -15.96 11.15
N GLU A 82 3.79 -15.43 12.37
CA GLU A 82 2.77 -15.71 13.38
C GLU A 82 1.98 -14.44 13.69
N SER A 83 0.66 -14.53 13.54
CA SER A 83 -0.23 -13.41 13.86
C SER A 83 -0.21 -13.06 15.35
N ALA A 84 -0.36 -11.77 15.63
CA ALA A 84 -0.46 -11.28 17.00
C ALA A 84 -1.82 -11.57 17.64
N GLY A 85 -2.78 -12.05 16.85
CA GLY A 85 -4.09 -12.42 17.36
C GLY A 85 -4.02 -13.52 18.42
N SER A 86 -5.07 -13.65 19.21
CA SER A 86 -5.10 -14.63 20.30
C SER A 86 -4.96 -16.06 19.78
N GLY A 87 -5.38 -16.28 18.53
CA GLY A 87 -5.30 -17.59 17.93
C GLY A 87 -3.93 -17.94 17.36
N SER A 88 -3.05 -16.95 17.30
CA SER A 88 -1.71 -17.12 16.76
C SER A 88 -1.72 -17.84 15.40
N TYR A 89 -2.61 -17.42 14.51
CA TYR A 89 -2.71 -18.02 13.18
C TYR A 89 -1.38 -17.91 12.43
N LEU A 90 -1.03 -18.97 11.70
CA LEU A 90 0.22 -19.01 10.99
C LEU A 90 0.04 -18.74 9.51
N SER A 91 1.03 -18.09 8.93
CA SER A 91 1.12 -17.93 7.49
C SER A 91 2.57 -18.14 7.10
N ALA A 92 2.81 -18.39 5.82
CA ALA A 92 4.16 -18.67 5.38
C ALA A 92 4.27 -18.47 3.90
N ASP A 93 5.46 -18.02 3.49
CA ASP A 93 5.82 -17.96 2.09
C ASP A 93 7.03 -18.83 1.86
N ALA A 94 7.07 -19.51 0.71
CA ALA A 94 8.24 -20.27 0.30
C ALA A 94 8.78 -19.66 -0.99
N PHE A 95 10.11 -19.68 -1.12
CA PHE A 95 10.80 -19.15 -2.28
C PHE A 95 11.80 -20.17 -2.78
N THR A 96 11.87 -20.32 -4.10
CA THR A 96 13.02 -20.97 -4.68
C THR A 96 14.16 -19.95 -4.81
N LEU A 97 15.39 -20.41 -4.58
CA LEU A 97 16.54 -19.55 -4.69
C LEU A 97 17.73 -20.42 -5.03
N ASN A 98 18.20 -20.32 -6.27
CA ASN A 98 19.28 -21.17 -6.71
C ASN A 98 20.08 -20.48 -7.80
N PRO A 99 21.27 -21.02 -8.13
CA PRO A 99 22.11 -20.34 -9.11
C PRO A 99 21.51 -20.27 -10.51
N GLN A 100 20.69 -21.23 -10.88
CA GLN A 100 20.14 -21.28 -12.23
CA GLN A 100 20.13 -21.28 -12.24
C GLN A 100 19.02 -20.26 -12.47
N GLU A 101 18.16 -20.13 -11.47
CA GLU A 101 16.95 -19.33 -11.64
CA GLU A 101 16.93 -19.36 -11.60
C GLU A 101 16.93 -18.07 -10.80
N GLY A 102 17.85 -17.92 -9.87
CA GLY A 102 17.75 -16.79 -8.96
C GLY A 102 16.59 -17.00 -7.98
N LEU A 103 15.87 -15.92 -7.68
CA LEU A 103 14.81 -15.90 -6.67
C LEU A 103 13.42 -15.91 -7.28
N ASP A 104 12.55 -16.81 -6.84
CA ASP A 104 11.16 -16.83 -7.31
C ASP A 104 10.22 -17.25 -6.18
N SER A 105 8.99 -16.80 -6.22
CA SER A 105 8.02 -17.29 -5.26
CA SER A 105 7.99 -17.29 -5.27
C SER A 105 7.64 -18.73 -5.60
N PHE A 106 7.48 -19.55 -4.57
CA PHE A 106 7.11 -20.93 -4.76
C PHE A 106 5.67 -21.17 -4.32
N ASN A 107 5.33 -20.72 -3.11
CA ASN A 107 3.97 -20.90 -2.61
C ASN A 107 3.69 -19.98 -1.42
N HIS A 108 2.42 -19.85 -1.09
CA HIS A 108 1.99 -19.00 0.01
C HIS A 108 0.80 -19.68 0.69
N VAL A 109 0.82 -19.71 2.02
CA VAL A 109 -0.34 -20.17 2.78
C VAL A 109 -0.63 -19.17 3.89
N GLU A 110 -1.88 -19.11 4.34
CA GLU A 110 -2.24 -18.22 5.45
C GLU A 110 -3.50 -18.72 6.14
N GLY A 111 -3.74 -18.22 7.35
CA GLY A 111 -4.92 -18.58 8.10
C GLY A 111 -4.87 -19.99 8.64
N LEU A 112 -3.67 -20.51 8.87
CA LEU A 112 -3.47 -21.85 9.40
C LEU A 112 -3.55 -21.86 10.92
N ALA A 113 -4.20 -22.88 11.48
CA ALA A 113 -4.17 -23.08 12.92
C ALA A 113 -2.73 -23.35 13.37
N PRO A 114 -2.40 -22.99 14.62
CA PRO A 114 -1.03 -23.14 15.11
C PRO A 114 -0.49 -24.56 15.03
N ASN A 115 -1.37 -25.56 15.05
CA ASN A 115 -0.92 -26.95 15.00
C ASN A 115 -0.90 -27.57 13.61
N GLU A 116 -1.14 -26.76 12.58
CA GLU A 116 -1.18 -27.29 11.22
C GLU A 116 0.23 -27.49 10.65
N ASP A 117 0.35 -28.43 9.73
CA ASP A 117 1.63 -28.73 9.11
C ASP A 117 1.93 -27.72 8.02
N VAL A 118 2.72 -26.68 8.36
CA VAL A 118 2.99 -25.61 7.41
C VAL A 118 3.75 -26.11 6.19
N ILE A 119 4.72 -26.98 6.42
CA ILE A 119 5.53 -27.51 5.32
C ILE A 119 4.68 -28.33 4.36
N GLN A 120 3.81 -29.19 4.89
CA GLN A 120 2.93 -29.97 4.02
C GLN A 120 1.99 -29.05 3.24
N ALA A 121 1.50 -28.01 3.90
CA ALA A 121 0.62 -27.05 3.25
C ALA A 121 1.33 -26.34 2.09
N LEU A 122 2.59 -26.00 2.30
CA LEU A 122 3.38 -25.34 1.27
C LEU A 122 3.68 -26.27 0.10
N LYS A 123 3.70 -27.57 0.36
CA LYS A 123 3.91 -28.55 -0.70
C LYS A 123 2.61 -28.76 -1.47
N THR A 124 1.48 -28.50 -0.83
CA THR A 124 0.17 -28.61 -1.46
C THR A 124 -0.07 -27.48 -2.46
N GLY B 4 23.78 3.71 5.26
CA GLY B 4 22.72 3.18 4.43
C GLY B 4 21.52 4.09 4.27
N PHE B 5 21.18 4.40 3.03
CA PHE B 5 20.09 5.32 2.71
C PHE B 5 18.74 4.83 3.26
N PHE B 6 18.03 5.74 3.93
CA PHE B 6 16.63 5.51 4.31
C PHE B 6 15.89 6.83 4.30
N LYS B 7 14.80 6.92 3.54
CA LYS B 7 14.01 8.13 3.51
C LYS B 7 12.53 7.83 3.37
N GLN B 8 11.73 8.58 4.11
CA GLN B 8 10.28 8.46 4.07
C GLN B 8 9.68 9.72 3.47
N LEU B 9 8.75 9.54 2.53
CA LEU B 9 8.03 10.65 1.93
C LEU B 9 6.53 10.45 2.12
N THR B 10 5.82 11.55 2.29
CA THR B 10 4.37 11.51 2.41
C THR B 10 3.77 12.39 1.32
N LEU B 11 2.95 11.78 0.47
CA LEU B 11 2.33 12.48 -0.64
C LEU B 11 1.18 13.33 -0.16
N PRO B 12 0.76 14.32 -0.97
CA PRO B 12 -0.39 15.15 -0.55
C PRO B 12 -1.66 14.34 -0.35
N SER B 13 -1.81 13.21 -1.04
CA SER B 13 -2.97 12.32 -0.85
C SER B 13 -2.96 11.66 0.53
N GLY B 14 -1.77 11.60 1.14
CA GLY B 14 -1.60 10.92 2.40
C GLY B 14 -0.80 9.62 2.29
N GLN B 15 -0.68 9.08 1.09
CA GLN B 15 0.11 7.86 0.93
C GLN B 15 1.54 8.10 1.38
N VAL B 16 2.16 7.05 1.90
CA VAL B 16 3.51 7.14 2.43
C VAL B 16 4.40 6.14 1.71
N VAL B 17 5.60 6.57 1.34
CA VAL B 17 6.57 5.69 0.72
CA VAL B 17 6.56 5.67 0.74
C VAL B 17 7.89 5.75 1.47
N THR B 18 8.55 4.60 1.63
CA THR B 18 9.90 4.61 2.15
C THR B 18 10.81 3.99 1.10
N VAL B 19 12.05 4.48 1.06
CA VAL B 19 13.06 3.96 0.14
C VAL B 19 14.31 3.67 0.95
N SER B 20 14.85 2.46 0.80
CA SER B 20 16.00 1.99 1.58
C SER B 20 17.04 1.32 0.69
N GLU B 21 18.32 1.62 0.91
CA GLU B 21 19.37 0.76 0.33
C GLU B 21 19.43 -0.53 1.13
N GLY B 22 19.81 -1.63 0.48
CA GLY B 22 19.89 -2.91 1.15
C GLY B 22 20.84 -2.88 2.33
N ARG B 23 20.45 -3.50 3.43
CA ARG B 23 21.28 -3.52 4.62
CA ARG B 23 21.26 -3.55 4.63
CA ARG B 23 21.28 -3.53 4.63
C ARG B 23 22.54 -4.36 4.42
N GLY B 24 23.68 -3.82 4.87
CA GLY B 24 24.94 -4.52 4.79
C GLY B 24 25.64 -4.48 3.45
N GLU B 25 25.03 -3.83 2.46
CA GLU B 25 25.60 -3.75 1.12
C GLU B 25 26.69 -2.69 1.01
N PRO B 26 27.53 -2.81 -0.03
CA PRO B 26 28.53 -1.78 -0.34
C PRO B 26 27.87 -0.46 -0.70
N ALA B 27 28.58 0.64 -0.48
CA ALA B 27 28.08 1.95 -0.87
C ALA B 27 27.91 2.03 -2.39
N SER B 28 28.82 1.37 -3.12
CA SER B 28 28.94 1.56 -4.57
C SER B 28 27.97 0.74 -5.42
N THR B 29 27.38 -0.30 -4.84
CA THR B 29 26.53 -1.20 -5.60
C THR B 29 25.66 -2.03 -4.68
N GLY B 30 24.50 -2.44 -5.17
CA GLY B 30 23.64 -3.30 -4.41
C GLY B 30 22.20 -3.20 -4.87
N SER B 31 21.31 -2.95 -3.92
CA SER B 31 19.89 -2.87 -4.19
C SER B 31 19.28 -1.70 -3.44
N TYR B 32 18.04 -1.38 -3.78
CA TYR B 32 17.23 -0.56 -2.91
C TYR B 32 15.82 -1.11 -2.95
N ASP B 33 15.01 -0.79 -1.95
CA ASP B 33 13.61 -1.17 -2.02
C ASP B 33 12.74 0.05 -1.86
N VAL B 34 11.53 -0.03 -2.43
CA VAL B 34 10.51 0.99 -2.29
C VAL B 34 9.33 0.30 -1.64
N ARG B 35 8.81 0.88 -0.56
CA ARG B 35 7.64 0.34 0.12
C ARG B 35 6.56 1.39 0.21
N LEU B 36 5.34 1.00 -0.16
CA LEU B 36 4.19 1.90 -0.21
C LEU B 36 3.23 1.53 0.91
N TYR B 37 2.74 2.54 1.63
CA TYR B 37 1.79 2.39 2.74
C TYR B 37 0.62 3.32 2.49
N SER B 38 -0.55 3.02 3.05
CA SER B 38 -1.71 3.88 2.80
C SER B 38 -1.59 5.25 3.46
N GLY B 39 -0.94 5.30 4.61
CA GLY B 39 -0.92 6.50 5.43
C GLY B 39 -2.31 6.94 5.84
N ALA B 40 -3.26 6.01 5.84
CA ALA B 40 -4.67 6.35 6.08
C ALA B 40 -4.87 7.06 7.42
N ASN B 41 -4.13 6.64 8.43
CA ASN B 41 -4.05 7.38 9.69
C ASN B 41 -2.70 8.07 9.75
N PRO B 42 -2.66 9.37 9.50
CA PRO B 42 -1.38 10.06 9.32
C PRO B 42 -0.45 9.99 10.54
N GLN B 43 -0.99 9.75 11.73
CA GLN B 43 -0.15 9.64 12.92
C GLN B 43 0.58 8.30 12.97
N PHE B 44 0.16 7.37 12.11
CA PHE B 44 0.79 6.05 12.04
C PHE B 44 1.15 5.77 10.59
N PRO B 45 2.18 6.47 10.07
CA PRO B 45 2.45 6.45 8.64
C PRO B 45 2.72 5.06 8.09
N LEU B 46 3.34 4.18 8.88
CA LEU B 46 3.78 2.88 8.39
C LEU B 46 2.93 1.73 8.90
N ASP B 47 1.70 2.03 9.34
CA ASP B 47 0.83 0.99 9.91
C ASP B 47 0.05 0.15 8.90
N GLN B 48 -0.02 0.61 7.65
CA GLN B 48 -0.82 -0.08 6.64
C GLN B 48 -0.04 -0.29 5.34
N PHE B 49 0.77 -1.33 5.32
CA PHE B 49 1.55 -1.68 4.14
C PHE B 49 0.67 -2.09 2.97
N ILE B 50 1.02 -1.60 1.78
CA ILE B 50 0.33 -1.95 0.54
C ILE B 50 1.16 -2.85 -0.37
N ASP B 51 2.37 -2.41 -0.71
CA ASP B 51 3.17 -3.15 -1.68
C ASP B 51 4.60 -2.65 -1.66
N GLY B 52 5.52 -3.43 -2.22
CA GLY B 52 6.92 -3.04 -2.29
C GLY B 52 7.66 -3.70 -3.43
N LYS B 53 8.78 -3.11 -3.83
CA LYS B 53 9.64 -3.67 -4.86
C LYS B 53 11.09 -3.57 -4.44
N VAL B 54 11.92 -4.50 -4.91
CA VAL B 54 13.36 -4.40 -4.74
C VAL B 54 14.02 -4.27 -6.10
N LEU B 55 14.88 -3.27 -6.23
CA LEU B 55 15.55 -2.98 -7.50
C LEU B 55 17.06 -2.99 -7.34
N PRO B 56 17.78 -3.28 -8.43
CA PRO B 56 19.23 -3.10 -8.40
C PRO B 56 19.60 -1.62 -8.41
N ARG B 57 20.70 -1.26 -7.75
CA ARG B 57 21.26 0.07 -7.93
C ARG B 57 22.69 -0.05 -8.38
N ASP B 58 22.96 0.58 -9.51
CA ASP B 58 24.32 0.70 -10.01
C ASP B 58 24.87 2.02 -9.50
N GLY B 59 25.22 2.02 -8.22
CA GLY B 59 25.71 3.22 -7.57
C GLY B 59 25.02 3.42 -6.23
N SER B 60 25.02 4.66 -5.74
CA SER B 60 24.32 4.99 -4.51
C SER B 60 23.17 5.92 -4.81
N ILE B 61 22.10 5.81 -4.04
CA ILE B 61 20.98 6.73 -4.19
C ILE B 61 21.42 8.15 -3.91
N LYS B 62 21.14 9.04 -4.87
CA LYS B 62 21.49 10.45 -4.75
C LYS B 62 20.35 11.23 -4.11
N GLU B 63 19.13 11.00 -4.58
CA GLU B 63 17.99 11.77 -4.10
C GLU B 63 16.67 11.15 -4.56
N LEU B 64 15.60 11.54 -3.88
CA LEU B 64 14.23 11.16 -4.27
C LEU B 64 13.49 12.39 -4.75
N LYS B 65 12.62 12.21 -5.75
CA LYS B 65 11.73 13.27 -6.19
C LYS B 65 10.30 12.74 -6.29
N LEU B 66 9.34 13.64 -6.07
CA LEU B 66 7.92 13.36 -6.31
C LEU B 66 7.43 14.37 -7.32
N LEU B 67 7.18 13.92 -8.53
CA LEU B 67 6.78 14.81 -9.61
C LEU B 67 5.82 14.09 -10.53
N ASP B 68 4.86 14.84 -11.08
CA ASP B 68 3.90 14.30 -12.03
C ASP B 68 4.57 14.14 -13.40
N LEU B 69 4.87 12.90 -13.77
CA LEU B 69 5.58 12.61 -15.01
C LEU B 69 4.67 12.42 -16.23
N ASN B 70 3.43 11.98 -16.01
CA ASN B 70 2.54 11.71 -17.14
C ASN B 70 1.34 12.64 -17.26
N GLY B 71 1.26 13.64 -16.38
CA GLY B 71 0.24 14.67 -16.49
C GLY B 71 -1.15 14.30 -16.01
N ASP B 72 -1.24 13.30 -15.12
CA ASP B 72 -2.53 12.94 -14.56
C ASP B 72 -2.75 13.59 -13.19
N LYS B 73 -1.83 14.48 -12.83
CA LYS B 73 -1.94 15.28 -11.61
C LYS B 73 -1.60 14.53 -10.32
N GLN B 74 -1.15 13.29 -10.45
CA GLN B 74 -0.65 12.54 -9.29
C GLN B 74 0.87 12.48 -9.35
N PRO B 75 1.55 12.56 -8.22
CA PRO B 75 3.01 12.48 -8.38
C PRO B 75 3.51 11.04 -8.56
N GLU B 76 4.51 10.86 -9.43
CA GLU B 76 5.27 9.62 -9.47
C GLU B 76 6.47 9.77 -8.54
N LEU B 77 7.03 8.65 -8.10
CA LEU B 77 8.26 8.66 -7.31
C LEU B 77 9.44 8.44 -8.23
N ILE B 78 10.47 9.27 -8.11
CA ILE B 78 11.70 9.08 -8.86
C ILE B 78 12.85 8.83 -7.91
N VAL B 79 13.58 7.75 -8.15
CA VAL B 79 14.78 7.44 -7.37
C VAL B 79 15.99 7.66 -8.27
N VAL B 80 16.83 8.64 -7.93
CA VAL B 80 17.98 8.98 -8.74
C VAL B 80 19.23 8.32 -8.17
N VAL B 81 19.98 7.61 -9.01
CA VAL B 81 21.18 6.91 -8.56
C VAL B 81 22.42 7.48 -9.25
N GLU B 82 23.49 7.67 -8.46
CA GLU B 82 24.77 8.17 -8.94
C GLU B 82 25.83 7.06 -8.87
N SER B 83 26.55 6.86 -9.95
CA SER B 83 27.63 5.88 -9.94
C SER B 83 28.76 6.26 -8.99
N ALA B 84 29.42 5.25 -8.42
CA ALA B 84 30.54 5.47 -7.51
C ALA B 84 31.78 5.96 -8.24
N GLY B 85 31.76 5.88 -9.56
CA GLY B 85 32.87 6.32 -10.38
C GLY B 85 33.00 7.83 -10.44
N SER B 88 31.34 9.61 -14.74
CA SER B 88 30.21 10.16 -13.98
C SER B 88 28.91 9.97 -14.73
N TYR B 89 28.02 9.15 -14.18
CA TYR B 89 26.74 8.88 -14.82
C TYR B 89 25.60 8.83 -13.81
N LEU B 90 24.40 9.12 -14.29
CA LEU B 90 23.21 9.00 -13.47
C LEU B 90 22.26 8.00 -14.11
N SER B 91 21.54 7.28 -13.26
CA SER B 91 20.42 6.47 -13.70
C SER B 91 19.25 6.81 -12.79
N ALA B 92 18.05 6.39 -13.17
CA ALA B 92 16.89 6.69 -12.36
C ALA B 92 15.75 5.75 -12.67
N ASP B 93 14.95 5.46 -11.65
CA ASP B 93 13.76 4.64 -11.80
C ASP B 93 12.58 5.47 -11.34
N ALA B 94 11.48 5.39 -12.07
CA ALA B 94 10.26 6.08 -11.68
C ALA B 94 9.16 5.07 -11.44
N PHE B 95 8.26 5.41 -10.52
CA PHE B 95 7.19 4.51 -10.12
C PHE B 95 5.89 5.27 -10.02
N THR B 96 4.80 4.63 -10.45
CA THR B 96 3.48 5.15 -10.16
C THR B 96 3.04 4.63 -8.80
N LEU B 97 2.32 5.48 -8.06
CA LEU B 97 1.81 5.16 -6.74
C LEU B 97 0.39 5.70 -6.62
N ASN B 98 -0.55 4.84 -6.30
CA ASN B 98 -1.88 5.34 -5.97
C ASN B 98 -2.68 4.32 -5.18
N PRO B 99 -3.75 4.79 -4.51
CA PRO B 99 -4.59 3.91 -3.71
C PRO B 99 -5.28 2.91 -4.62
N GLN B 100 -5.73 3.38 -5.78
CA GLN B 100 -6.48 2.55 -6.72
C GLN B 100 -5.66 1.34 -7.18
N GLU B 101 -4.46 1.60 -7.69
CA GLU B 101 -3.64 0.55 -8.27
C GLU B 101 -2.61 -0.01 -7.30
N GLY B 102 -1.77 0.87 -6.76
CA GLY B 102 -0.66 0.46 -5.91
C GLY B 102 0.66 0.96 -6.48
N LEU B 103 1.69 0.12 -6.43
CA LEU B 103 3.04 0.47 -6.90
C LEU B 103 3.40 -0.21 -8.24
N ASP B 104 3.80 0.58 -9.24
CA ASP B 104 4.16 0.03 -10.55
C ASP B 104 5.35 0.78 -11.15
N SER B 105 6.11 0.09 -12.00
CA SER B 105 7.19 0.72 -12.74
C SER B 105 6.64 1.67 -13.78
N PHE B 106 7.24 2.85 -13.88
CA PHE B 106 6.83 3.81 -14.89
C PHE B 106 7.86 3.89 -16.01
N ASN B 107 9.12 4.08 -15.63
CA ASN B 107 10.20 4.15 -16.60
C ASN B 107 11.55 4.01 -15.92
N HIS B 108 12.58 3.83 -16.73
CA HIS B 108 13.94 3.67 -16.27
C HIS B 108 14.86 4.33 -17.28
N VAL B 109 15.83 5.10 -16.79
CA VAL B 109 16.85 5.66 -17.65
C VAL B 109 18.22 5.40 -17.02
N GLU B 110 19.26 5.39 -17.84
CA GLU B 110 20.61 5.08 -17.37
C GLU B 110 21.66 5.71 -18.27
N GLY B 111 22.86 5.87 -17.73
CA GLY B 111 23.99 6.36 -18.52
C GLY B 111 23.90 7.84 -18.86
N LEU B 112 23.21 8.60 -18.02
CA LEU B 112 23.08 10.04 -18.22
C LEU B 112 24.28 10.78 -17.65
N ALA B 113 24.67 11.87 -18.31
CA ALA B 113 25.72 12.73 -17.78
C ALA B 113 25.20 13.48 -16.56
N PRO B 114 26.11 13.85 -15.64
CA PRO B 114 25.71 14.53 -14.41
C PRO B 114 24.85 15.78 -14.66
N ASN B 115 25.04 16.43 -15.81
CA ASN B 115 24.32 17.67 -16.10
C ASN B 115 22.99 17.48 -16.83
N GLU B 116 22.68 16.24 -17.22
CA GLU B 116 21.48 15.97 -17.98
C GLU B 116 20.21 16.04 -17.14
N ASP B 117 19.09 16.33 -17.78
CA ASP B 117 17.81 16.42 -17.11
C ASP B 117 17.21 15.02 -16.98
N VAL B 118 17.34 14.45 -15.78
CA VAL B 118 16.84 13.11 -15.50
C VAL B 118 15.32 13.03 -15.64
N ILE B 119 14.63 14.07 -15.17
CA ILE B 119 13.18 14.11 -15.22
C ILE B 119 12.66 14.16 -16.66
N GLN B 120 13.27 14.99 -17.50
CA GLN B 120 12.83 15.08 -18.88
C GLN B 120 13.11 13.77 -19.60
N ALA B 121 14.20 13.11 -19.25
CA ALA B 121 14.54 11.81 -19.83
C ALA B 121 13.48 10.75 -19.49
N LEU B 122 12.99 10.78 -18.26
CA LEU B 122 12.00 9.81 -17.82
C LEU B 122 10.65 10.04 -18.49
N LYS B 123 10.42 11.27 -18.94
CA LYS B 123 9.16 11.67 -19.56
C LYS B 123 9.17 11.40 -21.06
N THR B 124 10.36 11.24 -21.63
CA THR B 124 10.54 11.26 -23.07
C THR B 124 10.65 9.87 -23.69
N PRO B 125 9.68 9.52 -24.55
CA PRO B 125 9.70 8.25 -25.29
C PRO B 125 10.94 8.16 -26.18
N GLY C 4 -18.13 11.72 17.31
CA GLY C 4 -18.53 11.00 16.11
C GLY C 4 -19.63 11.69 15.32
N PHE C 5 -19.44 11.73 14.00
CA PHE C 5 -20.38 12.40 13.12
C PHE C 5 -21.75 11.70 13.06
N PHE C 6 -22.81 12.49 13.22
CA PHE C 6 -24.17 12.01 13.03
C PHE C 6 -25.06 13.16 12.58
N LYS C 7 -25.76 12.97 11.48
CA LYS C 7 -26.72 13.97 11.02
C LYS C 7 -27.96 13.29 10.47
N GLN C 8 -29.10 13.87 10.78
CA GLN C 8 -30.38 13.41 10.31
C GLN C 8 -30.99 14.49 9.42
N LEU C 9 -31.39 14.11 8.21
CA LEU C 9 -31.99 15.05 7.27
C LEU C 9 -33.36 14.56 6.82
N THR C 10 -34.29 15.51 6.67
CA THR C 10 -35.61 15.18 6.15
C THR C 10 -35.72 15.68 4.72
N LEU C 11 -36.16 14.81 3.81
CA LEU C 11 -36.26 15.17 2.39
C LEU C 11 -37.65 15.67 2.06
N PRO C 12 -37.78 16.40 0.93
CA PRO C 12 -39.10 16.91 0.53
C PRO C 12 -40.16 15.82 0.39
N SER C 13 -39.75 14.61 0.02
CA SER C 13 -40.66 13.47 -0.11
C SER C 13 -41.29 13.08 1.23
N GLY C 14 -40.63 13.48 2.32
CA GLY C 14 -41.00 13.04 3.65
C GLY C 14 -40.04 12.00 4.20
N GLN C 15 -39.25 11.37 3.32
CA GLN C 15 -38.29 10.39 3.78
C GLN C 15 -37.25 11.06 4.67
N VAL C 16 -36.61 10.26 5.51
CA VAL C 16 -35.58 10.74 6.41
C VAL C 16 -34.32 9.91 6.22
N VAL C 17 -33.17 10.57 6.21
CA VAL C 17 -31.92 9.86 6.05
C VAL C 17 -30.98 10.24 7.19
N THR C 18 -30.22 9.27 7.68
CA THR C 18 -29.17 9.57 8.65
C THR C 18 -27.83 9.16 8.07
N VAL C 19 -26.80 9.90 8.46
CA VAL C 19 -25.44 9.61 8.04
C VAL C 19 -24.57 9.63 9.28
N SER C 20 -23.78 8.57 9.47
CA SER C 20 -22.95 8.41 10.66
C SER C 20 -21.56 7.95 10.28
N GLU C 21 -20.53 8.51 10.93
CA GLU C 21 -19.21 7.88 10.89
C GLU C 21 -19.22 6.67 11.83
N GLY C 22 -18.40 5.66 11.53
CA GLY C 22 -18.34 4.48 12.36
C GLY C 22 -17.95 4.80 13.79
N ARG C 23 -18.63 4.18 14.74
CA ARG C 23 -18.34 4.41 16.15
CA ARG C 23 -18.35 4.39 16.16
C ARG C 23 -16.95 3.92 16.54
N GLY C 24 -16.21 4.77 17.26
CA GLY C 24 -14.90 4.41 17.77
C GLY C 24 -13.75 4.54 16.79
N GLU C 25 -14.06 4.92 15.56
CA GLU C 25 -13.05 5.07 14.51
C GLU C 25 -12.22 6.33 14.66
N PRO C 26 -11.02 6.35 14.05
CA PRO C 26 -10.19 7.55 14.00
C PRO C 26 -10.89 8.68 13.24
N ALA C 27 -10.55 9.91 13.58
CA ALA C 27 -11.06 11.05 12.84
C ALA C 27 -10.66 11.00 11.36
N SER C 28 -9.44 10.55 11.09
CA SER C 28 -8.85 10.71 9.76
C SER C 28 -9.31 9.69 8.72
N THR C 29 -9.92 8.61 9.17
CA THR C 29 -10.20 7.52 8.24
C THR C 29 -11.14 6.51 8.86
N GLY C 30 -11.80 5.73 8.02
CA GLY C 30 -12.64 4.65 8.49
C GLY C 30 -13.81 4.42 7.57
N SER C 31 -15.02 4.52 8.14
CA SER C 31 -16.23 4.27 7.39
C SER C 31 -17.33 5.27 7.74
N TYR C 32 -18.38 5.26 6.95
CA TYR C 32 -19.62 5.89 7.36
C TYR C 32 -20.76 5.07 6.81
N ASP C 33 -21.95 5.25 7.37
CA ASP C 33 -23.13 4.59 6.83
C ASP C 33 -24.20 5.61 6.51
N VAL C 34 -25.04 5.24 5.55
CA VAL C 34 -26.22 6.02 5.18
C VAL C 34 -27.40 5.09 5.42
N ARG C 35 -28.40 5.58 6.14
CA ARG C 35 -29.60 4.81 6.46
C ARG C 35 -30.83 5.58 6.05
N LEU C 36 -31.71 4.95 5.29
CA LEU C 36 -32.91 5.60 4.76
C LEU C 36 -34.14 5.07 5.48
N TYR C 37 -35.04 5.98 5.84
CA TYR C 37 -36.28 5.67 6.56
C TYR C 37 -37.47 6.28 5.81
N SER C 38 -38.66 5.73 6.02
CA SER C 38 -39.83 6.22 5.29
C SER C 38 -40.21 7.63 5.75
N GLY C 39 -39.97 7.94 7.02
CA GLY C 39 -40.41 9.20 7.58
C GLY C 39 -41.92 9.33 7.68
N ALA C 40 -42.64 8.22 7.50
CA ALA C 40 -44.10 8.23 7.43
C ALA C 40 -44.76 8.90 8.63
N ASN C 41 -44.14 8.76 9.79
CA ASN C 41 -44.61 9.40 11.02
C ASN C 41 -43.64 10.50 11.43
N PRO C 42 -43.98 11.77 11.15
CA PRO C 42 -43.06 12.87 11.40
C PRO C 42 -42.64 12.96 12.87
N GLN C 43 -43.50 12.50 13.77
CA GLN C 43 -43.20 12.51 15.20
C GLN C 43 -42.17 11.46 15.57
N PHE C 44 -42.06 10.43 14.74
CA PHE C 44 -41.09 9.37 14.96
C PHE C 44 -40.44 9.03 13.63
N PRO C 45 -39.57 9.93 13.17
CA PRO C 45 -38.99 9.91 11.81
C PRO C 45 -38.12 8.69 11.53
N LEU C 46 -37.62 8.02 12.57
CA LEU C 46 -36.74 6.88 12.37
C LEU C 46 -37.43 5.54 12.63
N ASP C 47 -38.76 5.53 12.64
CA ASP C 47 -39.51 4.31 12.99
C ASP C 47 -39.56 3.24 11.90
N GLN C 48 -39.38 3.63 10.64
CA GLN C 48 -39.55 2.70 9.53
C GLN C 48 -38.32 2.63 8.63
N PHE C 49 -37.37 1.82 9.06
CA PHE C 49 -36.14 1.60 8.30
C PHE C 49 -36.43 0.97 6.95
N ILE C 50 -35.76 1.47 5.91
CA ILE C 50 -35.89 0.94 4.56
C ILE C 50 -34.62 0.21 4.10
N ASP C 51 -33.47 0.86 4.18
CA ASP C 51 -32.24 0.29 3.66
C ASP C 51 -31.06 1.14 4.13
N GLY C 52 -29.85 0.58 4.05
CA GLY C 52 -28.64 1.28 4.43
C GLY C 52 -27.41 0.70 3.76
N LYS C 53 -26.35 1.49 3.74
CA LYS C 53 -25.07 1.09 3.15
C LYS C 53 -23.94 1.54 4.07
N VAL C 54 -22.85 0.77 4.09
CA VAL C 54 -21.64 1.21 4.77
C VAL C 54 -20.58 1.41 3.71
N LEU C 55 -19.90 2.56 3.77
CA LEU C 55 -18.87 2.92 2.80
C LEU C 55 -17.58 3.31 3.48
N PRO C 56 -16.45 3.14 2.78
CA PRO C 56 -15.20 3.69 3.35
C PRO C 56 -15.20 5.21 3.25
N ARG C 57 -14.47 5.87 4.16
CA ARG C 57 -14.22 7.30 4.03
C ARG C 57 -12.73 7.59 4.12
N ASP C 58 -12.24 8.27 3.10
CA ASP C 58 -10.86 8.66 3.05
C ASP C 58 -10.74 10.06 3.61
N GLY C 59 -10.91 10.15 4.92
CA GLY C 59 -10.93 11.43 5.62
C GLY C 59 -12.12 11.51 6.56
N SER C 60 -12.50 12.74 6.88
CA SER C 60 -13.58 13.04 7.79
C SER C 60 -14.74 13.64 7.00
N ILE C 61 -15.97 13.26 7.32
CA ILE C 61 -17.11 13.89 6.65
C ILE C 61 -17.09 15.40 6.90
N LYS C 62 -17.08 16.16 5.81
CA LYS C 62 -17.00 17.60 5.87
C LYS C 62 -18.38 18.24 5.86
N GLU C 63 -19.25 17.77 4.97
CA GLU C 63 -20.60 18.30 4.88
C GLU C 63 -21.53 17.36 4.13
N LEU C 64 -22.82 17.53 4.35
CA LEU C 64 -23.85 16.84 3.59
C LEU C 64 -24.58 17.89 2.78
N LYS C 65 -24.94 17.53 1.54
CA LYS C 65 -25.73 18.41 0.71
C LYS C 65 -26.92 17.67 0.16
N LEU C 66 -28.04 18.39 0.02
CA LEU C 66 -29.22 17.87 -0.66
C LEU C 66 -29.43 18.68 -1.93
N LEU C 67 -29.15 18.06 -3.06
CA LEU C 67 -29.17 18.77 -4.33
C LEU C 67 -29.57 17.85 -5.47
N ASP C 68 -30.35 18.37 -6.40
CA ASP C 68 -30.79 17.61 -7.55
C ASP C 68 -29.65 17.47 -8.56
N LEU C 69 -29.11 16.26 -8.69
CA LEU C 69 -27.97 16.02 -9.59
C LEU C 69 -28.36 15.51 -10.98
N ASN C 70 -29.53 14.89 -11.10
CA ASN C 70 -29.92 14.29 -12.37
C ASN C 70 -31.13 14.95 -13.03
N GLY C 71 -31.62 16.02 -12.43
CA GLY C 71 -32.63 16.86 -13.04
C GLY C 71 -34.08 16.42 -12.88
N ASP C 72 -34.35 15.52 -11.95
CA ASP C 72 -35.72 15.05 -11.77
C ASP C 72 -36.44 15.83 -10.67
N LYS C 73 -35.83 16.92 -10.23
CA LYS C 73 -36.43 17.82 -9.24
C LYS C 73 -36.63 17.20 -7.85
N GLN C 74 -35.82 16.21 -7.53
CA GLN C 74 -35.79 15.64 -6.18
C GLN C 74 -34.34 15.68 -5.73
N PRO C 75 -34.08 16.01 -4.46
CA PRO C 75 -32.65 16.08 -4.14
C PRO C 75 -31.97 14.72 -3.98
N GLU C 76 -30.74 14.61 -4.50
CA GLU C 76 -29.84 13.50 -4.15
C GLU C 76 -29.10 13.86 -2.87
N LEU C 77 -28.62 12.85 -2.14
CA LEU C 77 -27.75 13.09 -0.99
C LEU C 77 -26.29 13.06 -1.42
N ILE C 78 -25.55 14.10 -1.06
CA ILE C 78 -24.11 14.08 -1.30
C ILE C 78 -23.37 14.12 0.03
N VAL C 79 -22.47 13.16 0.20
CA VAL C 79 -21.60 13.10 1.38
C VAL C 79 -20.19 13.50 0.93
N VAL C 80 -19.72 14.65 1.40
CA VAL C 80 -18.39 15.14 1.07
C VAL C 80 -17.39 14.81 2.17
N VAL C 81 -16.27 14.20 1.80
CA VAL C 81 -15.25 13.75 2.74
C VAL C 81 -13.93 14.47 2.46
N GLU C 82 -13.30 14.98 3.51
CA GLU C 82 -12.04 15.71 3.37
C GLU C 82 -10.89 14.88 3.92
N SER C 83 -9.90 14.59 3.09
CA SER C 83 -8.71 13.85 3.50
C SER C 83 -7.90 14.62 4.53
N ALA C 84 -7.30 13.89 5.47
CA ALA C 84 -6.40 14.49 6.45
C ALA C 84 -5.00 14.69 5.87
N GLY C 85 -4.78 14.24 4.64
CA GLY C 85 -3.49 14.45 3.98
C GLY C 85 -3.18 15.94 3.80
N SER C 86 -1.94 16.27 3.51
CA SER C 86 -1.54 17.67 3.37
C SER C 86 -2.30 18.38 2.25
N GLY C 87 -2.74 17.63 1.24
CA GLY C 87 -3.50 18.20 0.15
C GLY C 87 -4.91 18.59 0.53
N SER C 88 -5.41 18.06 1.64
CA SER C 88 -6.81 18.22 2.03
C SER C 88 -7.79 17.86 0.91
N TYR C 89 -7.47 16.80 0.19
CA TYR C 89 -8.26 16.45 -0.98
C TYR C 89 -9.68 16.01 -0.64
N LEU C 90 -10.60 16.33 -1.54
CA LEU C 90 -12.00 15.98 -1.34
C LEU C 90 -12.39 14.73 -2.11
N SER C 91 -13.22 13.90 -1.47
CA SER C 91 -13.92 12.84 -2.16
C SER C 91 -15.41 13.00 -1.83
N ALA C 92 -16.28 12.36 -2.61
CA ALA C 92 -17.70 12.44 -2.31
C ALA C 92 -18.43 11.24 -2.87
N ASP C 93 -19.48 10.83 -2.17
CA ASP C 93 -20.42 9.86 -2.69
C ASP C 93 -21.78 10.51 -2.82
N ALA C 94 -22.47 10.24 -3.91
CA ALA C 94 -23.85 10.70 -4.09
C ALA C 94 -24.79 9.53 -4.08
N PHE C 95 -25.99 9.74 -3.54
CA PHE C 95 -27.00 8.69 -3.45
C PHE C 95 -28.34 9.22 -3.92
N THR C 96 -29.09 8.39 -4.62
CA THR C 96 -30.48 8.69 -4.90
C THR C 96 -31.32 8.12 -3.76
N LEU C 97 -32.35 8.84 -3.37
CA LEU C 97 -33.22 8.43 -2.27
C LEU C 97 -34.64 8.85 -2.56
N ASN C 98 -35.56 7.90 -2.61
CA ASN C 98 -36.97 8.19 -2.82
C ASN C 98 -37.83 7.00 -2.42
N PRO C 99 -39.13 7.23 -2.22
CA PRO C 99 -40.02 6.14 -1.80
C PRO C 99 -40.18 5.06 -2.86
N GLN C 100 -39.97 5.42 -4.12
CA GLN C 100 -40.16 4.49 -5.23
C GLN C 100 -39.06 3.43 -5.33
N GLU C 101 -37.81 3.86 -5.23
CA GLU C 101 -36.69 2.95 -5.42
C GLU C 101 -35.85 2.77 -4.16
N GLY C 102 -36.12 3.53 -3.10
CA GLY C 102 -35.30 3.46 -1.91
C GLY C 102 -33.97 4.15 -2.10
N LEU C 103 -32.91 3.51 -1.61
CA LEU C 103 -31.58 4.09 -1.54
C LEU C 103 -30.63 3.47 -2.57
N ASP C 104 -29.98 4.29 -3.38
CA ASP C 104 -29.04 3.77 -4.38
C ASP C 104 -27.85 4.69 -4.54
N SER C 105 -26.69 4.10 -4.79
CA SER C 105 -25.51 4.90 -5.06
C SER C 105 -25.66 5.52 -6.46
N PHE C 106 -25.23 6.77 -6.58
CA PHE C 106 -25.38 7.50 -7.83
C PHE C 106 -24.01 7.72 -8.50
N ASN C 107 -23.01 8.11 -7.72
CA ASN C 107 -21.67 8.31 -8.24
C ASN C 107 -20.68 8.51 -7.10
N HIS C 108 -19.39 8.44 -7.44
CA HIS C 108 -18.31 8.64 -6.50
C HIS C 108 -17.19 9.42 -7.18
N VAL C 109 -16.64 10.40 -6.48
CA VAL C 109 -15.45 11.09 -6.96
C VAL C 109 -14.39 11.14 -5.85
N GLU C 110 -13.14 11.37 -6.23
CA GLU C 110 -12.08 11.37 -5.24
C GLU C 110 -10.85 12.09 -5.77
N GLY C 111 -10.02 12.56 -4.84
CA GLY C 111 -8.77 13.20 -5.20
C GLY C 111 -8.91 14.63 -5.72
N LEU C 112 -10.03 15.27 -5.38
CA LEU C 112 -10.30 16.63 -5.85
C LEU C 112 -9.52 17.66 -5.01
N ALA C 113 -8.97 18.66 -5.68
CA ALA C 113 -8.34 19.77 -4.99
C ALA C 113 -9.40 20.48 -4.14
N PRO C 114 -8.98 21.12 -3.05
CA PRO C 114 -9.94 21.74 -2.13
C PRO C 114 -10.89 22.76 -2.76
N ASN C 115 -10.54 23.34 -3.90
CA ASN C 115 -11.39 24.35 -4.53
CA ASN C 115 -11.39 24.36 -4.52
C ASN C 115 -12.17 23.84 -5.73
N GLU C 116 -12.07 22.54 -5.98
CA GLU C 116 -12.74 21.96 -7.14
C GLU C 116 -14.24 21.79 -6.93
N ASP C 117 -14.98 21.87 -8.02
CA ASP C 117 -16.43 21.77 -8.01
C ASP C 117 -16.86 20.31 -7.86
N VAL C 118 -17.12 19.90 -6.62
CA VAL C 118 -17.48 18.52 -6.33
C VAL C 118 -18.82 18.15 -6.98
N ILE C 119 -19.77 19.08 -6.95
CA ILE C 119 -21.07 18.82 -7.54
C ILE C 119 -20.95 18.55 -9.04
N GLN C 120 -20.19 19.38 -9.74
CA GLN C 120 -20.01 19.18 -11.16
C GLN C 120 -19.28 17.87 -11.45
N ALA C 121 -18.31 17.53 -10.62
CA ALA C 121 -17.55 16.29 -10.81
C ALA C 121 -18.47 15.07 -10.72
N LEU C 122 -19.44 15.13 -9.81
CA LEU C 122 -20.39 14.03 -9.64
C LEU C 122 -21.34 13.88 -10.82
N LYS C 123 -21.54 14.97 -11.57
CA LYS C 123 -22.43 14.94 -12.72
C LYS C 123 -21.72 14.38 -13.96
#